data_3U8T
#
_entry.id   3U8T
#
_cell.length_a   51.800
_cell.length_b   77.100
_cell.length_c   83.430
_cell.angle_alpha   90.00
_cell.angle_beta   90.00
_cell.angle_gamma   90.00
#
_symmetry.space_group_name_H-M   'P 21 21 21'
#
loop_
_entity.id
_entity.type
_entity.pdbx_description
1 polymer 'Thrombin light chain'
2 polymer 'Thrombin heavy chain'
3 polymer 'D-PHE-PRO-D-ARG-CYS DIRECT THROMBIN INHIBITOR'
4 non-polymer 2-acetamido-2-deoxy-beta-D-glucopyranose
5 non-polymer 'SODIUM ION'
6 non-polymer 'IODIDE ION'
7 non-polymer 'CHLORIDE ION'
8 non-polymer (4S)-2-METHYL-2,4-PENTANEDIOL
9 water water
#
loop_
_entity_poly.entity_id
_entity_poly.type
_entity_poly.pdbx_seq_one_letter_code
_entity_poly.pdbx_strand_id
1 'polypeptide(L)' ADCGLRPLFEKKSLEDKTERELLESYI L
2 'polypeptide(L)'
;IVEGSDAEIGMSPWQVMLFRKSPQELLCGASLISDRWVLTAAHCLLYPPWDKNFTENDLLVRIGKHSRTRYERNIEKISM
LEKIYIHPRYNWRENLDRDIALMKLKKPVAFSDYIHPVCLPDRETAASLLQAGYKGRVTGWGNLKETWTANVGKGQPSVL
QVVNLPIVERPVCKDSTRIRITDNMFCAGYKPDEGKRGDACEGDSGGPFVMKSPFNNRWYQMGIVSWGEGCDRDGKYGFY
THVFRLKKWIQKVIDQFGE
;
H
3 'polypeptide(L)' (DPN)P(DAR)C(NH2) I
#
loop_
_chem_comp.id
_chem_comp.type
_chem_comp.name
_chem_comp.formula
CL non-polymer 'CHLORIDE ION' 'Cl -1'
IOD non-polymer 'IODIDE ION' 'I -1'
MPD non-polymer (4S)-2-METHYL-2,4-PENTANEDIOL 'C6 H14 O2'
NA non-polymer 'SODIUM ION' 'Na 1'
NAG D-saccharide, beta linking 2-acetamido-2-deoxy-beta-D-glucopyranose 'C8 H15 N O6'
NH2 non-polymer 'AMINO GROUP' 'H2 N'
#
# COMPACT_ATOMS: atom_id res chain seq x y z
N ALA A 1 12.20 -15.05 1.47
CA ALA A 1 13.64 -15.16 1.76
C ALA A 1 14.37 -13.94 1.24
N ASP A 2 14.01 -13.58 0.02
CA ASP A 2 14.63 -12.50 -0.73
C ASP A 2 13.74 -11.23 -0.73
N CYS A 3 12.72 -11.27 0.09
CA CYS A 3 11.71 -10.18 0.11
C CYS A 3 12.38 -8.81 0.32
N GLY A 4 11.80 -7.78 -0.28
CA GLY A 4 12.22 -6.44 0.12
C GLY A 4 13.58 -5.94 -0.41
N LEU A 5 14.29 -6.73 -1.25
CA LEU A 5 15.54 -6.29 -1.88
C LEU A 5 15.20 -6.19 -3.37
N ARG A 6 15.27 -4.99 -3.94
CA ARG A 6 14.81 -4.77 -5.31
C ARG A 6 15.86 -5.17 -6.32
N PRO A 7 15.46 -5.91 -7.35
CA PRO A 7 16.43 -6.28 -8.39
C PRO A 7 17.17 -5.08 -9.04
N LEU A 8 16.49 -3.96 -9.24
CA LEU A 8 17.14 -2.85 -9.97
C LEU A 8 17.79 -1.88 -9.00
N PHE A 9 17.69 -2.17 -7.70
CA PHE A 9 18.28 -1.26 -6.69
C PHE A 9 19.17 -1.99 -5.74
N GLU A 10 18.65 -2.51 -4.63
CA GLU A 10 19.56 -3.15 -3.66
C GLU A 10 20.43 -4.22 -4.31
N LYS A 11 19.84 -5.00 -5.21
CA LYS A 11 20.62 -6.11 -5.79
C LYS A 11 21.73 -5.65 -6.71
N LYS A 12 21.70 -4.38 -7.11
CA LYS A 12 22.70 -3.87 -8.02
C LYS A 12 23.52 -2.80 -7.32
N SER A 13 23.37 -2.70 -5.99
CA SER A 13 24.04 -1.67 -5.21
C SER A 13 23.77 -0.25 -5.74
N LEU A 14 22.56 -0.05 -6.28
CA LEU A 14 22.09 1.29 -6.64
C LEU A 14 21.03 1.79 -5.67
N GLU A 15 20.95 3.10 -5.52
CA GLU A 15 19.93 3.70 -4.64
C GLU A 15 18.99 4.57 -5.44
N ASP A 16 17.73 4.62 -5.02
CA ASP A 16 16.73 5.42 -5.72
C ASP A 16 16.83 6.87 -5.32
N LYS A 17 16.07 7.73 -5.99
CA LYS A 17 16.36 9.16 -5.92
C LYS A 17 15.91 9.79 -4.60
N THR A 18 15.05 9.12 -3.84
CA THR A 18 14.63 9.70 -2.55
C THR A 18 14.74 8.82 -1.30
N GLU A 19 15.34 7.64 -1.41
CA GLU A 19 15.42 6.80 -0.23
C GLU A 19 16.32 7.41 0.86
N ARG A 20 17.25 8.28 0.48
CA ARG A 20 18.11 8.98 1.46
C ARG A 20 17.21 9.75 2.44
N GLU A 21 16.04 10.19 1.99
CA GLU A 21 15.18 11.04 2.86
C GLU A 21 14.66 10.15 3.98
N LEU A 22 14.40 8.90 3.65
CA LEU A 22 13.94 7.91 4.67
C LEU A 22 15.05 7.61 5.67
N LEU A 23 16.21 7.22 5.18
CA LEU A 23 17.38 7.00 6.04
C LEU A 23 17.66 8.17 7.03
N GLU A 24 17.68 9.39 6.55
CA GLU A 24 17.94 10.55 7.42
C GLU A 24 16.85 10.77 8.45
N SER A 25 15.61 10.40 8.13
CA SER A 25 14.52 10.60 9.07
C SER A 25 14.71 9.78 10.35
N TYR A 26 15.50 8.69 10.27
CA TYR A 26 15.83 7.92 11.46
C TYR A 26 16.72 8.63 12.47
N ILE A 27 17.42 9.68 12.05
CA ILE A 27 18.31 10.34 13.02
C ILE A 27 17.92 11.77 13.47
N ILE B 1 -1.76 10.10 -5.57
CA ILE B 1 -0.70 10.65 -4.68
C ILE B 1 -0.59 12.13 -4.94
N VAL B 2 -0.74 12.92 -3.89
CA VAL B 2 -0.71 14.38 -4.01
C VAL B 2 0.71 14.85 -3.65
N GLU B 3 1.26 15.78 -4.46
CA GLU B 3 2.61 16.34 -4.20
C GLU B 3 3.69 15.27 -4.21
N GLY B 4 3.54 14.26 -5.05
CA GLY B 4 4.60 13.27 -5.15
C GLY B 4 5.36 13.46 -6.44
N SER B 5 6.06 12.44 -6.92
CA SER B 5 6.79 12.62 -8.17
C SER B 5 6.78 11.26 -8.86
N ASP B 6 7.16 11.21 -10.14
CA ASP B 6 7.21 9.93 -10.86
C ASP B 6 8.12 8.93 -10.18
N ALA B 7 7.65 7.69 -10.04
CA ALA B 7 8.51 6.63 -9.54
C ALA B 7 9.57 6.34 -10.63
N GLU B 8 10.73 5.87 -10.21
CA GLU B 8 11.69 5.27 -11.12
C GLU B 8 11.29 3.85 -11.49
N ILE B 9 11.76 3.40 -12.64
CA ILE B 9 11.49 2.01 -13.05
C ILE B 9 12.00 1.00 -12.02
N GLY B 10 11.16 0.05 -11.66
CA GLY B 10 11.51 -0.91 -10.62
C GLY B 10 11.70 -0.43 -9.19
N MET B 11 11.21 0.77 -8.89
CA MET B 11 11.38 1.35 -7.57
C MET B 11 10.44 0.67 -6.57
N SER B 12 9.32 0.14 -7.06
CA SER B 12 8.33 -0.44 -6.15
C SER B 12 7.83 -1.71 -6.79
N PRO B 13 8.69 -2.74 -6.88
CA PRO B 13 8.32 -3.85 -7.77
C PRO B 13 7.28 -4.78 -7.08
N TRP B 14 6.89 -4.43 -5.84
CA TRP B 14 5.80 -5.13 -5.13
C TRP B 14 4.47 -4.42 -5.41
N GLN B 15 4.50 -3.31 -6.17
CA GLN B 15 3.29 -2.53 -6.36
C GLN B 15 2.30 -3.34 -7.21
N VAL B 16 1.03 -3.37 -6.81
CA VAL B 16 0.04 -4.12 -7.63
C VAL B 16 -1.11 -3.20 -7.92
N MET B 17 -1.70 -3.33 -9.13
CA MET B 17 -2.86 -2.57 -9.49
C MET B 17 -4.08 -3.50 -9.43
N LEU B 18 -5.12 -3.11 -8.68
CA LEU B 18 -6.37 -3.91 -8.61
C LEU B 18 -7.31 -3.29 -9.64
N PHE B 19 -7.82 -4.10 -10.58
CA PHE B 19 -8.53 -3.60 -11.72
C PHE B 19 -9.91 -4.27 -11.73
N ARG B 20 -10.94 -3.47 -11.96
CA ARG B 20 -12.26 -4.03 -12.14
C ARG B 20 -12.39 -4.49 -13.56
N LYS B 21 -13.01 -5.65 -13.75
CA LYS B 21 -13.27 -6.14 -15.12
C LYS B 21 -14.35 -5.40 -15.87
N SER B 22 -15.47 -5.17 -15.20
CA SER B 22 -16.65 -4.72 -15.91
C SER B 22 -17.41 -3.72 -15.05
N PRO B 23 -17.36 -2.43 -15.41
CA PRO B 23 -16.54 -1.87 -16.50
C PRO B 23 -15.05 -1.82 -16.15
N GLN B 24 -14.20 -1.75 -17.17
CA GLN B 24 -12.74 -1.63 -16.97
C GLN B 24 -12.34 -0.40 -16.19
N GLU B 25 -11.69 -0.56 -15.05
CA GLU B 25 -11.21 0.61 -14.35
C GLU B 25 -10.30 0.25 -13.21
N LEU B 26 -9.36 1.14 -12.93
CA LEU B 26 -8.48 0.95 -11.79
CA LEU B 26 -8.47 0.94 -11.81
C LEU B 26 -9.31 1.11 -10.55
N LEU B 27 -9.26 0.15 -9.65
CA LEU B 27 -9.98 0.30 -8.38
C LEU B 27 -9.11 0.78 -7.26
N CYS B 28 -7.92 0.20 -7.14
CA CYS B 28 -7.18 0.36 -5.90
C CYS B 28 -5.77 -0.06 -6.13
N GLY B 29 -4.88 0.32 -5.20
CA GLY B 29 -3.59 -0.34 -5.17
C GLY B 29 -3.62 -1.58 -4.29
N ALA B 30 -2.46 -2.24 -4.20
CA ALA B 30 -2.33 -3.51 -3.50
C ALA B 30 -0.82 -3.82 -3.52
N SER B 31 -0.39 -4.92 -2.89
CA SER B 31 1.07 -5.19 -2.90
C SER B 31 1.31 -6.68 -2.96
N LEU B 32 2.43 -7.04 -3.56
CA LEU B 32 2.77 -8.46 -3.66
C LEU B 32 3.63 -8.88 -2.45
N ILE B 33 3.16 -9.81 -1.62
CA ILE B 33 3.91 -10.22 -0.43
C ILE B 33 4.55 -11.61 -0.60
N SER B 34 4.19 -12.29 -1.68
CA SER B 34 4.90 -13.55 -2.06
C SER B 34 4.59 -13.83 -3.51
N ASP B 35 4.96 -15.02 -4.01
CA ASP B 35 4.64 -15.33 -5.39
C ASP B 35 3.14 -15.55 -5.60
N ARG B 36 2.33 -15.64 -4.55
CA ARG B 36 0.91 -15.89 -4.86
C ARG B 36 -0.06 -15.17 -3.96
N TRP B 37 0.45 -14.31 -3.07
CA TRP B 37 -0.45 -13.56 -2.19
C TRP B 37 -0.32 -12.07 -2.38
N VAL B 38 -1.47 -11.39 -2.37
CA VAL B 38 -1.50 -9.96 -2.59
C VAL B 38 -2.31 -9.33 -1.46
N LEU B 39 -1.77 -8.30 -0.85
CA LEU B 39 -2.43 -7.61 0.27
C LEU B 39 -3.05 -6.33 -0.21
N THR B 40 -4.24 -5.99 0.31
CA THR B 40 -4.87 -4.71 -0.07
C THR B 40 -5.80 -4.29 1.06
N ALA B 41 -6.53 -3.18 0.88
CA ALA B 41 -7.47 -2.76 1.94
C ALA B 41 -8.82 -3.50 1.76
N ALA B 42 -9.40 -3.94 2.86
CA ALA B 42 -10.72 -4.54 2.78
C ALA B 42 -11.74 -3.68 2.08
N HIS B 43 -11.69 -2.35 2.30
CA HIS B 43 -12.69 -1.47 1.71
C HIS B 43 -12.63 -1.38 0.19
N CYS B 44 -11.51 -1.85 -0.41
CA CYS B 44 -11.43 -1.89 -1.84
C CYS B 44 -12.31 -2.99 -2.40
N LEU B 45 -12.62 -3.99 -1.55
CA LEU B 45 -13.35 -5.18 -1.98
C LEU B 45 -14.78 -5.23 -1.42
N LEU B 46 -14.95 -4.65 -0.22
CA LEU B 46 -16.23 -4.77 0.50
C LEU B 46 -16.55 -3.47 1.23
N TYR B 47 -17.62 -2.83 0.80
CA TYR B 47 -18.09 -1.60 1.45
C TYR B 47 -19.59 -1.46 1.14
N PRO B 48 -20.42 -2.19 1.91
CA PRO B 48 -21.87 -2.21 1.72
C PRO B 48 -22.53 -0.83 1.65
N PRO B 49 -22.05 0.17 2.41
CA PRO B 49 -22.81 1.42 2.23
C PRO B 49 -22.73 2.01 0.81
N TRP B 50 -21.74 1.59 0.03
CA TRP B 50 -21.64 2.01 -1.36
C TRP B 50 -22.02 0.88 -2.29
N ASP B 51 -22.65 -0.16 -1.74
CA ASP B 51 -23.04 -1.34 -2.49
C ASP B 51 -21.85 -2.07 -3.17
N LYS B 52 -20.67 -1.99 -2.54
CA LYS B 52 -19.47 -2.60 -3.11
C LYS B 52 -19.28 -3.98 -2.46
N ASN B 53 -19.21 -5.03 -3.28
CA ASN B 53 -19.01 -6.36 -2.74
C ASN B 53 -18.50 -7.31 -3.80
N PHE B 54 -17.22 -7.18 -4.12
CA PHE B 54 -16.62 -7.92 -5.24
C PHE B 54 -16.40 -9.41 -4.96
N THR B 55 -16.59 -10.21 -5.99
CA THR B 55 -16.25 -11.62 -5.93
C THR B 55 -14.99 -11.79 -6.77
N GLU B 56 -14.38 -12.97 -6.71
CA GLU B 56 -13.08 -13.20 -7.28
C GLU B 56 -13.07 -12.89 -8.78
N ASN B 57 -14.14 -13.25 -9.45
CA ASN B 57 -14.11 -13.16 -10.92
C ASN B 57 -14.48 -11.78 -11.42
N ASP B 58 -14.70 -10.86 -10.48
CA ASP B 58 -14.97 -9.47 -10.83
C ASP B 58 -13.72 -8.64 -11.10
N LEU B 59 -12.55 -9.19 -10.75
CA LEU B 59 -11.33 -8.43 -10.61
C LEU B 59 -10.14 -9.11 -11.27
N LEU B 60 -9.12 -8.30 -11.56
CA LEU B 60 -7.81 -8.80 -11.99
C LEU B 60 -6.78 -8.03 -11.19
N VAL B 61 -5.61 -8.60 -11.07
CA VAL B 61 -4.49 -7.77 -10.59
C VAL B 61 -3.45 -7.65 -11.68
N ARG B 62 -2.82 -6.49 -11.73
CA ARG B 62 -1.79 -6.25 -12.73
C ARG B 62 -0.50 -5.90 -11.97
N ILE B 63 0.55 -6.69 -12.24
CA ILE B 63 1.78 -6.65 -11.42
C ILE B 63 2.96 -6.24 -12.30
N GLY B 64 3.96 -5.51 -11.79
CA GLY B 64 5.04 -5.09 -12.69
C GLY B 64 4.82 -3.79 -13.44
N LYS B 65 3.72 -3.08 -13.16
CA LYS B 65 3.40 -1.89 -13.99
C LYS B 65 4.15 -0.62 -13.63
N HIS B 66 4.29 0.24 -14.63
CA HIS B 66 4.82 1.61 -14.44
C HIS B 66 3.84 2.64 -14.97
N SER B 67 3.47 2.50 -16.26
CA SER B 67 2.42 3.33 -16.84
C SER B 67 1.04 3.05 -16.23
N ARG B 68 0.24 4.08 -16.01
CA ARG B 68 -1.07 3.90 -15.46
C ARG B 68 -1.99 3.19 -16.47
N THR B 69 -1.80 3.46 -17.76
CA THR B 69 -2.81 3.00 -18.76
C THR B 69 -2.28 2.07 -19.86
N ARG B 70 -0.99 2.14 -20.15
CA ARG B 70 -0.48 1.40 -21.30
C ARG B 70 -0.30 -0.09 -20.95
N TYR B 71 -0.63 -0.97 -21.90
CA TYR B 71 -0.30 -2.40 -21.71
C TYR B 71 1.20 -2.55 -21.90
N GLU B 72 1.87 -3.05 -20.87
CA GLU B 72 3.33 -3.08 -20.82
C GLU B 72 3.82 -4.51 -21.09
N ARG B 73 3.89 -4.87 -22.38
CA ARG B 73 4.11 -6.25 -22.80
C ARG B 73 5.50 -6.74 -22.40
N ASN B 74 5.61 -7.99 -22.00
CA ASN B 74 6.90 -8.56 -21.55
C ASN B 74 7.37 -8.00 -20.22
N ILE B 75 6.62 -7.06 -19.63
CA ILE B 75 6.97 -6.57 -18.31
CA ILE B 75 6.94 -6.47 -18.32
C ILE B 75 5.85 -6.79 -17.32
N GLU B 76 4.62 -6.36 -17.64
CA GLU B 76 3.56 -6.59 -16.67
C GLU B 76 3.03 -7.99 -16.74
N LYS B 77 2.44 -8.39 -15.61
CA LYS B 77 1.75 -9.67 -15.52
CA LYS B 77 1.75 -9.66 -15.51
C LYS B 77 0.32 -9.45 -15.04
N ILE B 78 -0.63 -10.06 -15.75
CA ILE B 78 -2.03 -9.96 -15.40
C ILE B 78 -2.49 -11.28 -14.82
N SER B 79 -2.96 -11.23 -13.58
CA SER B 79 -3.37 -12.45 -12.89
C SER B 79 -4.82 -12.42 -12.42
N MET B 80 -5.42 -13.60 -12.43
CA MET B 80 -6.74 -13.83 -11.86
C MET B 80 -6.61 -14.22 -10.40
N LEU B 81 -7.70 -14.04 -9.67
CA LEU B 81 -7.74 -14.37 -8.25
CA LEU B 81 -7.78 -14.36 -8.25
C LEU B 81 -8.44 -15.72 -8.01
N GLU B 82 -7.86 -16.52 -7.13
CA GLU B 82 -8.55 -17.76 -6.76
CA GLU B 82 -8.47 -17.78 -6.70
C GLU B 82 -9.48 -17.53 -5.58
N LYS B 83 -9.05 -16.73 -4.63
CA LYS B 83 -9.89 -16.47 -3.45
C LYS B 83 -9.60 -15.13 -2.78
N ILE B 84 -10.65 -14.46 -2.31
CA ILE B 84 -10.46 -13.25 -1.52
C ILE B 84 -10.71 -13.58 -0.06
N TYR B 85 -9.88 -13.05 0.86
CA TYR B 85 -10.12 -13.24 2.30
C TYR B 85 -10.17 -11.87 2.93
N ILE B 86 -11.25 -11.57 3.60
CA ILE B 86 -11.36 -10.24 4.27
C ILE B 86 -11.29 -10.46 5.79
N HIS B 87 -10.60 -9.57 6.51
CA HIS B 87 -10.48 -9.77 7.94
C HIS B 87 -11.88 -9.95 8.56
N PRO B 88 -12.08 -11.02 9.34
CA PRO B 88 -13.44 -11.26 9.81
C PRO B 88 -13.91 -10.15 10.72
N ARG B 89 -13.01 -9.36 11.32
CA ARG B 89 -13.52 -8.25 12.15
C ARG B 89 -13.30 -6.89 11.54
N TYR B 90 -13.17 -6.86 10.22
CA TYR B 90 -13.16 -5.60 9.48
C TYR B 90 -14.44 -4.86 9.82
N ASN B 91 -14.28 -3.61 10.23
CA ASN B 91 -15.40 -2.83 10.73
C ASN B 91 -15.75 -1.80 9.66
N TRP B 92 -16.58 -2.18 8.69
CA TRP B 92 -16.95 -1.20 7.67
C TRP B 92 -18.09 -0.32 8.17
N ARG B 93 -18.82 -0.75 9.20
CA ARG B 93 -19.99 0.03 9.68
C ARG B 93 -19.54 1.36 10.28
N GLU B 94 -18.38 1.35 10.93
CA GLU B 94 -17.95 2.48 11.77
C GLU B 94 -16.74 3.28 11.28
N ASN B 95 -15.54 2.69 11.28
CA ASN B 95 -14.30 3.47 11.10
C ASN B 95 -13.25 2.71 10.29
N LEU B 96 -13.66 1.64 9.63
CA LEU B 96 -12.70 0.83 8.82
C LEU B 96 -11.60 0.26 9.70
N ASP B 97 -11.93 -0.06 10.94
CA ASP B 97 -11.00 -0.78 11.79
C ASP B 97 -10.63 -2.12 11.09
N ARG B 98 -9.36 -2.47 11.08
CA ARG B 98 -8.87 -3.76 10.50
C ARG B 98 -9.19 -3.80 9.01
N ASP B 99 -8.77 -2.74 8.33
CA ASP B 99 -9.06 -2.57 6.91
C ASP B 99 -7.98 -3.34 6.11
N ILE B 100 -8.18 -4.65 5.97
CA ILE B 100 -7.14 -5.46 5.40
C ILE B 100 -7.77 -6.64 4.72
N ALA B 101 -7.19 -7.03 3.58
CA ALA B 101 -7.70 -8.20 2.84
C ALA B 101 -6.54 -8.89 2.15
N LEU B 102 -6.64 -10.18 1.93
CA LEU B 102 -5.60 -10.88 1.17
C LEU B 102 -6.26 -11.44 -0.09
N MET B 103 -5.52 -11.56 -1.21
CA MET B 103 -6.10 -12.16 -2.41
C MET B 103 -5.03 -13.17 -2.84
N LYS B 104 -5.49 -14.38 -3.09
CA LYS B 104 -4.63 -15.48 -3.56
C LYS B 104 -4.75 -15.56 -5.07
N LEU B 105 -3.61 -15.58 -5.77
CA LEU B 105 -3.62 -15.62 -7.23
C LEU B 105 -3.95 -17.02 -7.66
N LYS B 106 -4.54 -17.14 -8.85
CA LYS B 106 -5.00 -18.45 -9.32
C LYS B 106 -3.76 -19.30 -9.64
N LYS B 107 -2.63 -18.64 -9.90
CA LYS B 107 -1.35 -19.31 -10.16
C LYS B 107 -0.23 -18.36 -9.69
N PRO B 108 0.86 -18.91 -9.13
CA PRO B 108 1.91 -18.01 -8.64
C PRO B 108 2.50 -17.23 -9.80
N VAL B 109 2.95 -16.02 -9.53
CA VAL B 109 3.59 -15.20 -10.55
CA VAL B 109 3.60 -15.22 -10.56
C VAL B 109 5.12 -15.38 -10.53
N ALA B 110 5.76 -15.35 -11.69
CA ALA B 110 7.22 -15.41 -11.73
C ALA B 110 7.76 -14.07 -11.37
N PHE B 111 8.81 -14.01 -10.56
CA PHE B 111 9.44 -12.72 -10.29
C PHE B 111 10.36 -12.26 -11.41
N SER B 112 10.68 -10.98 -11.40
CA SER B 112 11.53 -10.39 -12.46
C SER B 112 12.16 -9.12 -11.97
N ASP B 113 12.77 -8.35 -12.88
CA ASP B 113 13.36 -7.09 -12.41
C ASP B 113 12.24 -6.17 -11.95
N TYR B 114 11.00 -6.43 -12.40
CA TYR B 114 9.89 -5.49 -12.19
C TYR B 114 8.85 -6.01 -11.20
N ILE B 115 9.01 -7.26 -10.81
CA ILE B 115 8.04 -7.94 -9.98
C ILE B 115 8.79 -8.64 -8.88
N HIS B 116 8.53 -8.24 -7.64
CA HIS B 116 9.31 -8.80 -6.51
C HIS B 116 8.57 -8.45 -5.25
N PRO B 117 8.48 -9.38 -4.29
CA PRO B 117 7.69 -9.11 -3.08
C PRO B 117 8.35 -8.23 -2.03
N VAL B 118 7.49 -7.53 -1.31
CA VAL B 118 7.94 -6.70 -0.20
C VAL B 118 7.93 -7.57 1.07
N CYS B 119 8.73 -7.22 2.11
CA CYS B 119 8.68 -7.96 3.37
C CYS B 119 7.54 -7.52 4.27
N LEU B 120 7.03 -8.43 5.09
CA LEU B 120 6.18 -7.96 6.21
C LEU B 120 7.00 -7.85 7.48
N PRO B 121 6.65 -6.89 8.37
CA PRO B 121 7.47 -6.62 9.53
C PRO B 121 7.26 -7.67 10.60
N ASP B 122 8.30 -7.94 11.38
CA ASP B 122 8.07 -8.69 12.60
C ASP B 122 8.04 -7.72 13.76
N ARG B 123 7.98 -8.30 14.95
CA ARG B 123 7.78 -7.53 16.18
C ARG B 123 8.87 -6.49 16.35
N GLU B 124 10.11 -6.92 16.15
CA GLU B 124 11.26 -6.03 16.36
C GLU B 124 11.31 -4.90 15.33
N THR B 125 11.02 -5.24 14.07
CA THR B 125 10.96 -4.23 13.02
C THR B 125 9.81 -3.23 13.28
N ALA B 126 8.65 -3.69 13.69
CA ALA B 126 7.60 -2.71 14.01
C ALA B 126 7.94 -1.81 15.19
N ALA B 127 8.48 -2.42 16.26
CA ALA B 127 8.81 -1.66 17.47
C ALA B 127 9.85 -0.60 17.13
N SER B 128 10.82 -0.98 16.31
CA SER B 128 11.91 -0.07 15.98
C SER B 128 11.53 1.04 15.01
N LEU B 129 10.74 0.73 14.00
CA LEU B 129 10.58 1.70 12.90
C LEU B 129 9.28 2.46 12.93
N LEU B 130 8.27 1.94 13.59
CA LEU B 130 7.03 2.70 13.61
C LEU B 130 7.02 3.71 14.73
N GLN B 131 7.71 4.83 14.50
CA GLN B 131 7.89 5.84 15.53
C GLN B 131 7.58 7.15 14.88
N ALA B 132 6.93 8.05 15.61
CA ALA B 132 6.68 9.37 15.07
C ALA B 132 7.93 10.09 14.58
N GLY B 133 7.85 10.66 13.39
CA GLY B 133 8.92 11.45 12.81
C GLY B 133 9.74 10.66 11.79
N TYR B 134 9.74 9.34 11.93
CA TYR B 134 10.42 8.51 10.93
C TYR B 134 9.53 8.48 9.69
N LYS B 135 10.14 8.50 8.50
CA LYS B 135 9.39 8.54 7.26
C LYS B 135 9.24 7.18 6.60
N GLY B 136 8.12 7.01 5.90
CA GLY B 136 7.89 5.85 5.05
C GLY B 136 7.43 6.38 3.71
N ARG B 137 7.07 5.46 2.82
CA ARG B 137 6.83 5.82 1.45
C ARG B 137 5.51 5.21 0.97
N VAL B 138 4.75 6.00 0.25
CA VAL B 138 3.48 5.52 -0.32
CA VAL B 138 3.44 5.60 -0.31
C VAL B 138 3.51 5.71 -1.82
N THR B 139 2.87 4.78 -2.54
CA THR B 139 3.00 4.82 -3.97
C THR B 139 1.61 4.51 -4.52
N GLY B 140 1.33 4.99 -5.70
CA GLY B 140 0.04 4.62 -6.30
C GLY B 140 -0.24 5.36 -7.56
N TRP B 141 -1.31 4.94 -8.25
CA TRP B 141 -1.74 5.65 -9.45
C TRP B 141 -3.01 6.47 -9.21
N GLY B 142 -3.25 6.82 -7.95
CA GLY B 142 -4.41 7.59 -7.60
C GLY B 142 -4.40 9.03 -8.03
N ASN B 143 -5.46 9.76 -7.67
CA ASN B 143 -5.55 11.18 -8.01
C ASN B 143 -4.39 12.06 -7.57
N LEU B 144 -4.07 13.09 -8.38
CA LEU B 144 -3.03 14.04 -8.06
C LEU B 144 -3.51 15.16 -7.14
N LYS B 145 -4.83 15.34 -7.02
CA LYS B 145 -5.38 16.34 -6.09
C LYS B 145 -6.75 15.88 -5.60
N GLU B 146 -7.23 16.46 -4.51
CA GLU B 146 -8.48 15.99 -3.93
C GLU B 146 -9.66 16.15 -4.92
N GLY B 155 -7.17 14.51 -13.47
CA GLY B 155 -6.05 14.66 -12.57
C GLY B 155 -5.42 13.31 -12.25
N GLN B 156 -5.23 12.45 -13.26
CA GLN B 156 -4.60 11.16 -12.97
C GLN B 156 -3.19 11.12 -13.53
N PRO B 157 -2.28 10.45 -12.82
CA PRO B 157 -0.91 10.49 -13.29
C PRO B 157 -0.71 9.61 -14.51
N SER B 158 0.30 9.95 -15.28
CA SER B 158 0.71 9.09 -16.37
C SER B 158 1.44 7.83 -15.95
N VAL B 159 2.28 7.92 -14.92
CA VAL B 159 3.01 6.77 -14.36
C VAL B 159 2.89 6.74 -12.84
N LEU B 160 3.32 5.64 -12.27
CA LEU B 160 3.21 5.39 -10.82
C LEU B 160 3.80 6.60 -10.07
N GLN B 161 3.14 7.04 -8.99
CA GLN B 161 3.63 8.18 -8.18
C GLN B 161 4.23 7.74 -6.86
N VAL B 162 5.15 8.53 -6.31
CA VAL B 162 5.72 8.13 -5.02
C VAL B 162 5.85 9.39 -4.14
N VAL B 163 5.65 9.24 -2.83
CA VAL B 163 5.96 10.36 -1.93
C VAL B 163 6.37 9.77 -0.60
N ASN B 164 7.29 10.43 0.09
CA ASN B 164 7.65 10.00 1.43
C ASN B 164 6.99 10.89 2.48
N LEU B 165 6.48 10.27 3.56
CA LEU B 165 5.71 11.03 4.56
C LEU B 165 6.10 10.59 5.97
N PRO B 166 6.08 11.54 6.91
CA PRO B 166 6.42 11.19 8.28
C PRO B 166 5.24 10.57 9.07
N ILE B 167 5.57 9.61 9.93
CA ILE B 167 4.60 9.01 10.87
C ILE B 167 4.33 10.08 11.92
N VAL B 168 3.07 10.17 12.30
CA VAL B 168 2.64 11.20 13.21
C VAL B 168 2.23 10.59 14.55
N GLU B 169 2.43 11.34 15.65
CA GLU B 169 2.11 10.93 17.01
C GLU B 169 0.64 10.59 17.15
N ARG B 170 0.31 9.54 17.91
CA ARG B 170 -1.10 9.15 17.98
C ARG B 170 -2.05 10.32 18.47
N PRO B 171 -1.64 11.11 19.47
CA PRO B 171 -2.58 12.15 19.95
C PRO B 171 -2.83 13.22 18.92
N VAL B 172 -1.86 13.44 18.03
CA VAL B 172 -2.02 14.45 16.98
C VAL B 172 -2.97 13.85 15.93
N CYS B 173 -2.80 12.58 15.58
CA CYS B 173 -3.74 11.92 14.66
C CYS B 173 -5.16 12.01 15.23
N LYS B 174 -5.30 11.72 16.52
CA LYS B 174 -6.63 11.72 17.11
C LYS B 174 -7.24 13.12 17.20
N ASP B 175 -6.41 14.12 17.48
CA ASP B 175 -6.88 15.51 17.51
C ASP B 175 -7.38 15.99 16.13
N SER B 176 -6.98 15.30 15.07
CA SER B 176 -7.17 15.82 13.72
C SER B 176 -8.51 15.40 13.14
N THR B 177 -9.25 14.54 13.83
CA THR B 177 -10.47 13.95 13.23
C THR B 177 -11.47 13.53 14.31
N ARG B 178 -12.74 13.48 13.97
CA ARG B 178 -13.74 12.96 14.90
C ARG B 178 -13.98 11.48 14.73
N ILE B 179 -13.42 10.90 13.68
CA ILE B 179 -13.45 9.44 13.55
C ILE B 179 -12.60 8.77 14.67
N ARG B 180 -13.11 7.67 15.22
CA ARG B 180 -12.47 6.97 16.32
C ARG B 180 -11.30 6.15 15.74
N ILE B 181 -10.10 6.44 16.21
CA ILE B 181 -8.89 5.83 15.67
C ILE B 181 -8.63 4.66 16.60
N THR B 182 -8.14 3.55 16.07
CA THR B 182 -7.82 2.41 16.92
C THR B 182 -6.33 2.07 16.78
N ASP B 183 -5.85 1.15 17.62
CA ASP B 183 -4.44 0.74 17.54
C ASP B 183 -4.15 -0.10 16.31
N ASN B 184 -5.17 -0.39 15.51
CA ASN B 184 -4.92 -1.07 14.25
C ASN B 184 -4.70 -0.09 13.09
N MET B 185 -4.55 1.20 13.42
CA MET B 185 -4.31 2.26 12.42
C MET B 185 -3.14 3.11 12.87
N PHE B 186 -2.50 3.77 11.91
CA PHE B 186 -1.60 4.87 12.27
C PHE B 186 -1.79 5.93 11.23
N CYS B 187 -1.36 7.15 11.51
CA CYS B 187 -1.50 8.21 10.51
C CYS B 187 -0.16 8.80 10.13
N ALA B 188 -0.12 9.45 8.98
CA ALA B 188 1.14 10.02 8.53
C ALA B 188 0.88 11.19 7.63
N GLY B 189 1.88 12.07 7.52
CA GLY B 189 1.74 13.28 6.71
C GLY B 189 2.42 14.40 7.46
N TYR B 190 2.65 15.51 6.79
CA TYR B 190 3.24 16.67 7.44
C TYR B 190 2.21 17.45 8.22
N LYS B 191 2.66 18.09 9.28
CA LYS B 191 1.83 19.02 10.07
C LYS B 191 1.79 20.37 9.37
N PRO B 192 0.78 21.19 9.69
CA PRO B 192 0.73 22.53 9.06
C PRO B 192 2.01 23.36 9.26
N ASP B 193 2.73 23.14 10.35
CA ASP B 193 3.91 23.99 10.66
C ASP B 193 5.18 23.51 9.94
N GLU B 194 5.13 22.35 9.27
CA GLU B 194 6.31 21.74 8.64
C GLU B 194 6.55 22.20 7.20
N GLY B 195 5.60 22.94 6.66
CA GLY B 195 5.75 23.49 5.33
C GLY B 195 5.48 22.47 4.22
N LYS B 196 6.08 21.29 4.32
CA LYS B 196 5.99 20.31 3.22
C LYS B 196 4.57 19.73 3.15
N ARG B 197 4.20 19.16 2.00
CA ARG B 197 2.84 18.66 1.75
C ARG B 197 2.94 17.23 1.23
N GLY B 198 1.79 16.58 1.03
CA GLY B 198 1.83 15.26 0.42
C GLY B 198 0.83 14.31 1.08
N ASP B 199 0.15 13.46 0.28
CA ASP B 199 -0.83 12.54 0.88
C ASP B 199 -1.18 11.50 -0.19
N ALA B 200 -1.71 10.37 0.24
CA ALA B 200 -2.40 9.46 -0.70
C ALA B 200 -3.73 10.09 -1.03
N CYS B 201 -4.40 9.58 -2.08
CA CYS B 201 -5.71 10.09 -2.45
C CYS B 201 -6.51 8.97 -3.12
N GLU B 202 -7.65 9.36 -3.71
CA GLU B 202 -8.60 8.40 -4.25
C GLU B 202 -7.85 7.58 -5.32
N GLY B 203 -7.97 6.27 -5.25
CA GLY B 203 -7.27 5.40 -6.18
C GLY B 203 -6.00 4.82 -5.64
N ASP B 204 -5.41 5.45 -4.62
CA ASP B 204 -4.23 4.90 -3.98
C ASP B 204 -4.60 3.91 -2.88
N SER B 205 -5.86 3.94 -2.41
CA SER B 205 -6.33 3.06 -1.33
C SER B 205 -5.86 1.64 -1.60
N GLY B 206 -5.54 0.90 -0.55
CA GLY B 206 -5.11 -0.50 -0.72
C GLY B 206 -3.62 -0.69 -0.94
N GLY B 207 -2.95 0.36 -1.42
CA GLY B 207 -1.52 0.30 -1.73
C GLY B 207 -0.67 0.41 -0.46
N PRO B 208 0.63 0.20 -0.60
CA PRO B 208 1.52 0.03 0.56
C PRO B 208 2.15 1.31 1.04
N PHE B 209 2.33 1.37 2.36
CA PHE B 209 3.20 2.37 2.99
C PHE B 209 4.39 1.55 3.45
N VAL B 210 5.57 1.82 2.90
CA VAL B 210 6.72 0.96 3.18
C VAL B 210 7.81 1.78 3.87
N MET B 211 8.68 1.05 4.54
CA MET B 211 9.86 1.64 5.20
C MET B 211 11.08 0.79 4.81
N LYS B 212 12.18 1.45 4.49
CA LYS B 212 13.45 0.74 4.28
C LYS B 212 14.16 0.64 5.60
N SER B 213 14.38 -0.61 6.03
CA SER B 213 15.05 -0.81 7.29
C SER B 213 16.47 -0.34 7.24
N PRO B 214 16.88 0.46 8.26
CA PRO B 214 18.30 0.84 8.29
C PRO B 214 19.18 -0.30 8.80
N PHE B 215 18.58 -1.38 9.35
CA PHE B 215 19.38 -2.43 9.93
C PHE B 215 19.74 -3.47 8.89
N ASN B 216 18.82 -3.77 7.99
CA ASN B 216 19.15 -4.81 6.99
C ASN B 216 18.88 -4.38 5.52
N ASN B 217 18.50 -3.12 5.27
CA ASN B 217 18.33 -2.61 3.92
C ASN B 217 17.14 -3.20 3.17
N ARG B 218 16.24 -3.88 3.87
CA ARG B 218 15.05 -4.44 3.21
C ARG B 218 13.89 -3.52 3.38
N TRP B 219 12.99 -3.54 2.40
CA TRP B 219 11.80 -2.76 2.47
C TRP B 219 10.72 -3.60 3.12
N TYR B 220 10.00 -2.98 4.08
CA TYR B 220 8.92 -3.63 4.81
C TYR B 220 7.61 -2.88 4.61
N GLN B 221 6.53 -3.61 4.39
CA GLN B 221 5.22 -2.96 4.31
C GLN B 221 4.63 -2.77 5.69
N MET B 222 4.72 -1.54 6.18
CA MET B 222 4.18 -1.20 7.52
C MET B 222 2.71 -0.81 7.50
N GLY B 223 2.23 -0.22 6.39
CA GLY B 223 0.83 0.24 6.39
C GLY B 223 0.15 -0.13 5.08
N ILE B 224 -1.16 -0.01 5.07
CA ILE B 224 -1.94 -0.08 3.84
C ILE B 224 -2.73 1.25 3.78
N VAL B 225 -2.75 1.91 2.62
CA VAL B 225 -3.58 3.15 2.50
C VAL B 225 -5.05 2.85 2.81
N SER B 226 -5.61 3.46 3.86
CA SER B 226 -6.95 3.09 4.31
C SER B 226 -7.99 4.18 4.19
N TRP B 227 -7.74 5.31 4.83
CA TRP B 227 -8.77 6.35 4.78
C TRP B 227 -8.19 7.75 5.02
N GLY B 228 -8.97 8.77 4.67
CA GLY B 228 -8.55 10.14 4.88
C GLY B 228 -9.76 11.03 4.71
N GLU B 229 -9.67 12.27 5.10
CA GLU B 229 -10.83 13.17 4.88
C GLU B 229 -10.32 14.20 3.87
N GLY B 230 -10.75 14.03 2.63
CA GLY B 230 -10.17 14.78 1.51
C GLY B 230 -8.78 14.21 1.26
N CYS B 231 -7.91 15.00 0.63
CA CYS B 231 -6.51 14.59 0.41
C CYS B 231 -5.64 15.82 0.60
N ASP B 232 -4.55 15.65 1.34
CA ASP B 232 -3.59 16.74 1.54
C ASP B 232 -4.17 18.02 2.12
N ARG B 233 -5.16 17.91 3.01
CA ARG B 233 -5.72 19.13 3.64
C ARG B 233 -4.83 19.51 4.84
N ASP B 234 -4.72 20.82 5.14
CA ASP B 234 -3.88 21.21 6.28
C ASP B 234 -4.58 20.71 7.55
N GLY B 235 -3.83 20.14 8.47
CA GLY B 235 -4.41 19.69 9.72
C GLY B 235 -5.09 18.32 9.65
N LYS B 236 -5.11 17.67 8.47
CA LYS B 236 -5.63 16.31 8.30
C LYS B 236 -4.47 15.41 7.93
N TYR B 237 -4.62 14.11 8.17
CA TYR B 237 -3.53 13.15 7.92
C TYR B 237 -4.08 11.93 7.20
N GLY B 238 -3.24 11.19 6.49
CA GLY B 238 -3.69 9.95 5.89
C GLY B 238 -3.68 8.90 6.95
N PHE B 239 -4.66 8.00 6.90
CA PHE B 239 -4.67 6.92 7.86
C PHE B 239 -4.36 5.58 7.16
N TYR B 240 -3.66 4.72 7.88
CA TYR B 240 -3.05 3.48 7.31
C TYR B 240 -3.38 2.31 8.20
N THR B 241 -3.70 1.15 7.61
CA THR B 241 -3.89 -0.05 8.39
C THR B 241 -2.51 -0.45 8.95
N HIS B 242 -2.45 -0.79 10.22
CA HIS B 242 -1.19 -1.18 10.89
C HIS B 242 -0.95 -2.68 10.61
N VAL B 243 -0.14 -2.96 9.60
CA VAL B 243 0.02 -4.36 9.14
C VAL B 243 0.51 -5.30 10.20
N PHE B 244 1.53 -4.89 10.95
CA PHE B 244 2.04 -5.78 11.99
C PHE B 244 0.98 -6.19 13.04
N ARG B 245 0.13 -5.25 13.45
CA ARG B 245 -0.89 -5.58 14.44
C ARG B 245 -1.85 -6.68 13.95
N LEU B 246 -1.95 -6.85 12.65
CA LEU B 246 -2.96 -7.77 12.07
C LEU B 246 -2.23 -8.97 11.45
N LYS B 247 -0.98 -9.14 11.83
CA LYS B 247 -0.13 -10.16 11.16
C LYS B 247 -0.52 -11.57 11.53
N LYS B 248 -1.13 -11.78 12.70
CA LYS B 248 -1.51 -13.11 13.11
CA LYS B 248 -1.45 -13.14 13.06
C LYS B 248 -2.57 -13.64 12.16
N TRP B 249 -3.47 -12.76 11.79
CA TRP B 249 -4.53 -13.10 10.82
C TRP B 249 -3.91 -13.39 9.47
N ILE B 250 -3.05 -12.50 8.99
CA ILE B 250 -2.39 -12.80 7.72
C ILE B 250 -1.76 -14.20 7.71
N GLN B 251 -1.01 -14.50 8.76
CA GLN B 251 -0.31 -15.77 8.79
C GLN B 251 -1.28 -16.93 8.87
N LYS B 252 -2.35 -16.75 9.62
CA LYS B 252 -3.39 -17.80 9.69
C LYS B 252 -3.97 -18.11 8.29
N VAL B 253 -4.25 -17.07 7.50
CA VAL B 253 -4.85 -17.29 6.17
C VAL B 253 -3.83 -18.03 5.29
N ILE B 254 -2.62 -17.53 5.26
CA ILE B 254 -1.59 -18.15 4.45
C ILE B 254 -1.28 -19.60 4.87
N ASP B 255 -1.19 -19.83 6.17
CA ASP B 255 -0.84 -21.15 6.64
C ASP B 255 -1.92 -22.13 6.27
N GLN B 256 -3.16 -21.72 6.51
CA GLN B 256 -4.27 -22.67 6.47
C GLN B 256 -4.63 -23.09 5.07
N PHE B 257 -4.15 -22.34 4.07
CA PHE B 257 -4.59 -22.56 2.69
C PHE B 257 -4.65 -24.04 2.21
N DPN C 1 -13.68 9.74 3.65
CA DPN C 1 -14.20 8.55 4.38
C DPN C 1 -13.28 7.54 3.84
O DPN C 1 -12.08 7.80 3.80
CB DPN C 1 -14.07 8.72 5.90
CG DPN C 1 -14.45 7.50 6.71
CD1 DPN C 1 -13.48 6.79 7.39
CD2 DPN C 1 -15.76 7.07 6.67
CE1 DPN C 1 -13.85 5.63 8.07
CE2 DPN C 1 -16.13 5.91 7.36
CZ DPN C 1 -15.16 5.19 8.04
N PRO C 2 -13.78 6.38 3.39
CA PRO C 2 -12.95 5.33 2.79
C PRO C 2 -12.02 5.89 1.73
N DAR C 3 -10.77 5.40 1.67
CA DAR C 3 -9.85 5.78 0.65
CB DAR C 3 -9.03 6.98 1.02
CG DAR C 3 -7.59 6.99 0.50
CD DAR C 3 -6.59 7.77 1.38
NE DAR C 3 -6.96 9.18 1.62
CZ DAR C 3 -5.98 10.06 2.12
NH1 DAR C 3 -6.33 11.35 2.34
NH2 DAR C 3 -4.87 9.59 2.64
C DAR C 3 -10.54 6.00 -0.67
O DAR C 3 -10.36 7.07 -1.31
N CYS C 4 -11.32 5.00 -1.11
CA CYS C 4 -12.12 5.08 -2.34
C CYS C 4 -11.21 5.02 -3.56
N NH2 C 5 -11.81 5.05 -4.88
C1 NAG D . -21.10 -9.93 -0.29
C2 NAG D . -22.02 -10.13 0.93
C3 NAG D . -22.46 -11.60 1.14
C4 NAG D . -22.74 -12.34 -0.17
C5 NAG D . -21.64 -12.09 -1.22
C6 NAG D . -22.02 -12.68 -2.57
C7 NAG D . -21.78 -8.62 2.88
C8 NAG D . -20.98 -8.33 4.12
N2 NAG D . -21.35 -9.65 2.13
O3 NAG D . -23.61 -11.65 1.96
O4 NAG D . -22.80 -13.73 0.09
O5 NAG D . -21.46 -10.70 -1.42
O6 NAG D . -22.74 -13.88 -2.40
O7 NAG D . -22.76 -7.94 2.61
NA NA E . -2.40 17.20 5.61
I IOD F . -3.48 -16.49 -13.33
CL CL G . -5.41 -10.20 14.14
C1 MPD H . 20.12 3.05 15.10
C2 MPD H . 19.70 3.72 13.84
O2 MPD H . 19.82 5.15 13.96
CM MPD H . 20.66 3.20 12.75
C3 MPD H . 18.24 3.40 13.48
C4 MPD H . 17.18 3.76 14.49
O4 MPD H . 15.96 3.52 13.84
C5 MPD H . 17.13 2.82 15.68
#